data_1BRU
#
_entry.id   1BRU
#
_cell.length_a   41.590
_cell.length_b   46.450
_cell.length_c   128.230
_cell.angle_alpha   90.00
_cell.angle_beta   90.00
_cell.angle_gamma   90.00
#
_symmetry.space_group_name_H-M   'P 21 21 21'
#
loop_
_entity.id
_entity.type
_entity.pdbx_description
1 polymer ELASTASE
2 non-polymer 2-(2-HYDROXY-CYCLOPENTYL)-PENT-4-ENAL
3 water water
#
_entity_poly.entity_id   1
_entity_poly.type   'polypeptide(L)'
_entity_poly.pdbx_seq_one_letter_code
;VVGGEDARPNSWPWQVSLQYDSSGQWRHTCGGTLVDQSWVLTAAHCISSSRTYRVVLGRHSLSTNEPGSLAVKVSKLVVH
QDWNSNQLSNGNDIALLKLASPVSLTDKIQLGCLPAAGTILPNNYVCYVTGWGRLQTNGASPDILQQGQLLVVDYATCSK
PGWWGSTVKTNMICAGGDGIISSCNGDSGGPLNCQGANGQWQVHGIVSFGSSLGCNYYHKPSVFTRVSNYIDWINSVIAN
N
;
_entity_poly.pdbx_strand_id   P
#
# COMPACT_ATOMS: atom_id res chain seq x y z
N VAL A 1 -4.50 0.67 -10.31
CA VAL A 1 -4.89 2.11 -10.23
C VAL A 1 -5.80 2.51 -11.42
N VAL A 2 -6.94 3.12 -11.11
CA VAL A 2 -7.80 3.61 -12.18
C VAL A 2 -7.50 5.05 -12.48
N GLY A 3 -7.48 5.40 -13.78
CA GLY A 3 -7.26 6.82 -14.12
C GLY A 3 -5.84 7.42 -13.95
N GLY A 4 -4.89 6.49 -13.76
CA GLY A 4 -3.49 6.89 -13.59
C GLY A 4 -2.66 6.73 -14.86
N GLU A 5 -1.37 6.64 -14.59
CA GLU A 5 -0.41 6.52 -15.70
C GLU A 5 0.79 5.65 -15.35
N ASP A 6 1.54 5.24 -16.36
CA ASP A 6 2.80 4.52 -16.05
C ASP A 6 3.77 5.27 -15.15
N ALA A 7 4.27 4.63 -14.10
CA ALA A 7 5.30 5.33 -13.36
C ALA A 7 6.55 5.43 -14.19
N ARG A 8 7.41 6.42 -13.89
CA ARG A 8 8.76 6.25 -14.46
C ARG A 8 9.54 5.06 -13.90
N PRO A 9 10.25 4.32 -14.76
CA PRO A 9 11.00 3.15 -14.25
C PRO A 9 11.81 3.39 -13.00
N ASN A 10 11.59 2.51 -12.04
CA ASN A 10 12.35 2.57 -10.77
C ASN A 10 12.22 3.83 -9.91
N SER A 11 11.28 4.68 -10.27
CA SER A 11 11.09 5.92 -9.50
C SER A 11 10.38 5.80 -8.14
N TRP A 12 9.82 4.63 -7.91
CA TRP A 12 9.32 4.34 -6.56
C TRP A 12 10.04 3.12 -5.99
N PRO A 13 11.30 3.35 -5.58
CA PRO A 13 12.17 2.20 -5.31
C PRO A 13 11.85 1.41 -4.07
N TRP A 14 10.96 1.95 -3.25
CA TRP A 14 10.43 1.15 -2.11
C TRP A 14 9.23 0.24 -2.32
N GLN A 15 8.66 0.31 -3.50
CA GLN A 15 7.41 -0.42 -3.82
C GLN A 15 7.69 -1.88 -4.06
N VAL A 16 6.89 -2.70 -3.41
CA VAL A 16 7.12 -4.12 -3.57
C VAL A 16 5.98 -4.83 -4.31
N SER A 17 6.30 -5.94 -4.94
CA SER A 17 5.16 -6.82 -5.27
C SER A 17 5.05 -7.97 -4.29
N LEU A 18 3.89 -8.10 -3.68
CA LEU A 18 3.71 -9.28 -2.82
C LEU A 18 2.97 -10.39 -3.54
N GLN A 19 3.67 -11.51 -3.66
CA GLN A 19 3.19 -12.62 -4.49
C GLN A 19 3.00 -13.94 -3.76
N TYR A 20 2.06 -14.72 -4.21
CA TYR A 20 1.97 -16.03 -3.54
C TYR A 20 2.04 -17.16 -4.53
N ASP A 21 2.29 -18.32 -3.96
CA ASP A 21 2.38 -19.47 -4.83
C ASP A 21 1.07 -20.08 -5.21
N SER A 22 0.81 -19.90 -6.46
CA SER A 22 -0.44 -20.42 -7.00
C SER A 22 -0.26 -21.55 -7.99
N SER A 23 -0.39 -22.78 -7.48
CA SER A 23 -0.21 -23.99 -8.33
C SER A 23 1.11 -24.13 -9.08
N GLY A 24 2.18 -23.80 -8.36
CA GLY A 24 3.43 -23.63 -9.12
C GLY A 24 3.58 -22.39 -10.01
N GLN A 25 2.60 -21.49 -10.05
CA GLN A 25 2.96 -20.14 -10.48
C GLN A 25 2.92 -19.08 -9.40
N TRP A 26 3.95 -18.25 -9.48
CA TRP A 26 3.95 -17.07 -8.63
C TRP A 26 3.00 -16.04 -9.18
N ARG A 27 2.10 -15.67 -8.28
CA ARG A 27 0.96 -14.81 -8.65
C ARG A 27 0.94 -13.52 -7.84
N HIS A 28 1.00 -12.34 -8.47
CA HIS A 28 0.71 -11.09 -7.74
C HIS A 28 -0.63 -11.07 -6.98
N THR A 29 -0.54 -10.67 -5.73
CA THR A 29 -1.81 -10.42 -5.03
C THR A 29 -1.98 -9.07 -4.31
N CYS A 30 -0.86 -8.55 -3.80
CA CYS A 30 -0.89 -7.24 -3.15
C CYS A 30 0.38 -6.43 -3.34
N GLY A 31 0.29 -5.16 -3.02
CA GLY A 31 1.52 -4.39 -2.95
C GLY A 31 2.10 -4.31 -1.55
N GLY A 32 3.16 -3.53 -1.45
CA GLY A 32 3.87 -3.37 -0.18
C GLY A 32 4.96 -2.31 -0.22
N THR A 33 5.53 -2.07 0.95
CA THR A 33 6.64 -1.10 1.00
C THR A 33 7.80 -1.67 1.74
N LEU A 34 8.98 -1.63 1.14
CA LEU A 34 10.20 -1.97 1.90
C LEU A 34 10.51 -0.95 3.00
N VAL A 35 10.54 -1.42 4.21
CA VAL A 35 10.66 -0.40 5.24
C VAL A 35 11.94 -0.45 6.12
N ASP A 36 12.66 -1.54 5.94
CA ASP A 36 13.97 -1.86 6.54
C ASP A 36 14.53 -2.94 5.65
N GLN A 37 15.83 -3.17 5.63
CA GLN A 37 16.37 -4.28 4.81
C GLN A 37 15.79 -5.68 5.02
N SER A 38 15.17 -5.85 6.18
CA SER A 38 14.51 -7.13 6.40
C SER A 38 13.00 -7.15 6.42
N TRP A 39 12.38 -5.99 6.28
CA TRP A 39 10.92 -5.97 6.54
C TRP A 39 10.15 -5.21 5.48
N VAL A 40 9.10 -5.90 5.05
CA VAL A 40 8.07 -5.20 4.24
C VAL A 40 6.75 -4.88 4.99
N LEU A 41 6.31 -3.65 4.78
CA LEU A 41 4.99 -3.21 5.27
C LEU A 41 3.89 -3.46 4.25
N THR A 42 2.78 -4.01 4.72
CA THR A 42 1.65 -4.26 3.79
C THR A 42 0.30 -4.25 4.53
N ALA A 43 -0.78 -4.67 3.88
CA ALA A 43 -2.05 -4.75 4.60
C ALA A 43 -2.26 -6.12 5.19
N ALA A 44 -2.69 -6.16 6.46
CA ALA A 44 -3.14 -7.46 7.03
C ALA A 44 -4.13 -8.29 6.21
N HIS A 45 -5.01 -7.62 5.48
CA HIS A 45 -5.95 -8.41 4.67
C HIS A 45 -5.40 -9.17 3.47
N CYS A 46 -4.16 -8.82 3.14
CA CYS A 46 -3.44 -9.53 2.08
C CYS A 46 -2.84 -10.86 2.50
N ILE A 47 -2.90 -11.09 3.81
CA ILE A 47 -2.19 -12.24 4.36
C ILE A 47 -3.17 -13.35 4.68
N SER A 48 -2.88 -14.48 4.08
CA SER A 48 -3.40 -15.72 4.68
C SER A 48 -2.32 -16.66 5.16
N SER A 49 -2.39 -17.00 6.45
CA SER A 49 -1.42 -17.97 7.07
C SER A 49 -1.20 -19.35 6.39
N SER A 50 -2.22 -19.75 5.62
CA SER A 50 -2.08 -20.84 4.63
C SER A 50 -1.31 -20.60 3.30
N ARG A 51 -1.19 -19.35 2.83
CA ARG A 51 -0.41 -19.21 1.60
C ARG A 51 1.08 -19.17 1.78
N THR A 52 1.78 -19.50 0.72
CA THR A 52 3.20 -19.15 0.79
C THR A 52 3.60 -17.93 -0.06
N TYR A 53 4.41 -17.05 0.56
CA TYR A 53 4.77 -15.71 0.03
C TYR A 53 6.21 -15.46 -0.42
N ARG A 54 6.28 -14.75 -1.54
CA ARG A 54 7.54 -14.09 -1.86
C ARG A 54 7.28 -12.66 -2.18
N VAL A 55 8.34 -11.89 -2.05
CA VAL A 55 8.26 -10.48 -2.38
C VAL A 55 9.16 -10.18 -3.56
N VAL A 56 8.63 -9.45 -4.55
CA VAL A 56 9.54 -8.97 -5.61
C VAL A 56 9.86 -7.45 -5.54
N LEU A 57 11.16 -7.17 -5.56
CA LEU A 57 11.70 -5.81 -5.35
C LEU A 57 12.46 -5.23 -6.53
N GLY A 58 12.48 -3.89 -6.64
CA GLY A 58 13.31 -3.33 -7.73
C GLY A 58 12.76 -3.56 -9.11
N ARG A 59 11.44 -3.77 -9.10
CA ARG A 59 10.72 -4.04 -10.35
C ARG A 59 9.92 -2.89 -11.00
N HIS A 60 9.75 -3.04 -12.30
CA HIS A 60 8.85 -2.15 -13.04
C HIS A 60 7.76 -2.92 -13.81
N SER A 61 8.23 -3.75 -14.72
CA SER A 61 7.35 -4.74 -15.35
C SER A 61 7.18 -5.97 -14.46
N LEU A 62 5.96 -6.33 -14.08
CA LEU A 62 5.76 -7.62 -13.38
C LEU A 62 6.18 -8.89 -14.11
N SER A 63 6.16 -8.88 -15.43
CA SER A 63 6.52 -10.13 -16.13
C SER A 63 7.98 -10.29 -16.57
N THR A 64 8.71 -9.17 -16.62
CA THR A 64 10.11 -9.27 -17.08
C THR A 64 11.12 -9.38 -15.96
N ASN A 65 11.96 -10.41 -15.97
CA ASN A 65 13.05 -10.32 -14.97
C ASN A 65 14.05 -9.31 -15.37
N GLU A 66 13.85 -8.18 -14.77
CA GLU A 66 14.76 -7.06 -15.04
C GLU A 66 16.05 -7.12 -14.21
N PRO A 67 17.15 -6.74 -14.84
CA PRO A 67 18.44 -6.74 -14.09
C PRO A 67 18.34 -5.92 -12.83
N GLY A 68 18.90 -6.43 -11.73
CA GLY A 68 18.70 -5.65 -10.50
C GLY A 68 17.37 -5.74 -9.76
N SER A 69 16.42 -6.43 -10.38
CA SER A 69 15.30 -6.94 -9.57
C SER A 69 15.52 -8.28 -8.83
N LEU A 70 14.77 -8.36 -7.75
CA LEU A 70 15.03 -9.42 -6.80
C LEU A 70 13.75 -10.01 -6.21
N ALA A 71 13.65 -11.33 -6.25
CA ALA A 71 12.70 -12.01 -5.36
C ALA A 71 13.27 -12.62 -4.08
N VAL A 72 12.56 -12.37 -2.98
CA VAL A 72 13.00 -12.91 -1.69
C VAL A 72 11.87 -13.66 -1.00
N LYS A 73 12.22 -14.80 -0.45
CA LYS A 73 11.20 -15.46 0.35
C LYS A 73 10.86 -14.71 1.63
N VAL A 74 9.59 -14.73 1.95
CA VAL A 74 9.08 -14.19 3.21
C VAL A 74 9.00 -15.24 4.28
N SER A 75 9.58 -14.91 5.40
CA SER A 75 9.71 -15.93 6.44
C SER A 75 8.94 -15.76 7.73
N LYS A 76 8.57 -14.54 7.97
CA LYS A 76 7.68 -14.38 9.11
C LYS A 76 6.58 -13.36 8.82
N LEU A 77 5.36 -13.71 9.21
CA LEU A 77 4.21 -12.81 9.02
C LEU A 77 3.71 -12.22 10.33
N VAL A 78 3.81 -10.91 10.47
CA VAL A 78 3.22 -10.29 11.68
C VAL A 78 2.05 -9.28 11.47
N VAL A 79 0.83 -9.81 11.67
CA VAL A 79 -0.42 -9.04 11.54
C VAL A 79 -0.68 -8.22 12.80
N HIS A 80 -1.20 -7.01 12.60
CA HIS A 80 -1.58 -6.26 13.81
C HIS A 80 -2.50 -7.04 14.74
N GLN A 81 -2.17 -7.11 16.01
CA GLN A 81 -3.08 -7.87 16.90
C GLN A 81 -4.56 -7.41 17.05
N ASP A 82 -4.81 -6.12 16.80
CA ASP A 82 -6.21 -5.67 16.73
C ASP A 82 -6.92 -5.75 15.39
N TRP A 83 -6.20 -6.29 14.40
CA TRP A 83 -6.91 -6.51 13.14
C TRP A 83 -7.94 -7.64 13.24
N ASN A 84 -9.15 -7.30 12.81
CA ASN A 84 -10.22 -8.28 12.56
C ASN A 84 -10.67 -8.32 11.12
N SER A 85 -10.49 -9.46 10.50
CA SER A 85 -10.87 -9.52 9.09
C SER A 85 -12.33 -9.36 8.76
N ASN A 86 -13.16 -9.67 9.77
CA ASN A 86 -14.63 -9.55 9.70
C ASN A 86 -15.20 -8.15 10.04
N GLN A 87 -14.27 -7.32 10.47
CA GLN A 87 -14.53 -5.91 10.62
C GLN A 87 -13.48 -5.03 9.98
N LEU A 88 -13.44 -5.08 8.68
CA LEU A 88 -12.52 -4.19 7.97
C LEU A 88 -12.58 -2.66 8.25
N SER A 89 -13.81 -2.14 8.38
CA SER A 89 -14.02 -0.74 8.79
C SER A 89 -13.56 -0.31 10.19
N ASN A 90 -13.07 -1.26 11.01
CA ASN A 90 -12.39 -0.79 12.24
C ASN A 90 -10.94 -0.38 12.11
N GLY A 91 -10.41 -0.71 10.96
CA GLY A 91 -9.03 -0.30 10.74
C GLY A 91 -8.04 -1.32 11.23
N ASN A 92 -6.91 -0.83 11.69
CA ASN A 92 -5.78 -1.69 12.04
C ASN A 92 -5.36 -2.69 10.98
N ASP A 93 -5.60 -2.25 9.76
CA ASP A 93 -5.25 -3.09 8.61
C ASP A 93 -3.80 -2.97 8.21
N ILE A 94 -3.00 -3.70 8.97
CA ILE A 94 -1.54 -3.53 8.85
C ILE A 94 -0.78 -4.78 9.23
N ALA A 95 0.27 -5.01 8.47
CA ALA A 95 1.07 -6.20 8.66
C ALA A 95 2.52 -5.94 8.30
N LEU A 96 3.39 -6.60 9.02
CA LEU A 96 4.79 -6.55 8.65
C LEU A 96 5.31 -7.93 8.24
N LEU A 97 6.02 -7.98 7.12
CA LEU A 97 6.59 -9.27 6.70
C LEU A 97 8.12 -9.31 6.73
N LYS A 98 8.60 -10.33 7.41
CA LYS A 98 10.05 -10.52 7.46
C LYS A 98 10.61 -11.29 6.28
N LEU A 99 11.59 -10.70 5.61
CA LEU A 99 12.30 -11.44 4.57
C LEU A 99 13.35 -12.46 5.05
N ALA A 100 13.44 -13.53 4.27
CA ALA A 100 14.35 -14.64 4.58
C ALA A 100 15.80 -14.23 4.77
N SER A 101 16.19 -13.27 3.96
CA SER A 101 17.49 -12.61 4.17
C SER A 101 17.44 -11.12 3.82
N PRO A 102 18.27 -10.31 4.46
CA PRO A 102 18.24 -8.89 4.11
C PRO A 102 18.60 -8.49 2.69
N VAL A 103 17.89 -7.50 2.19
CA VAL A 103 18.28 -7.04 0.85
C VAL A 103 19.38 -6.00 0.90
N SER A 104 20.20 -6.03 -0.10
CA SER A 104 21.16 -4.94 -0.15
C SER A 104 20.56 -3.71 -0.80
N LEU A 105 20.85 -2.54 -0.27
CA LEU A 105 20.24 -1.42 -0.97
C LEU A 105 20.93 -1.02 -2.26
N THR A 106 20.10 -0.59 -3.22
CA THR A 106 20.65 -0.20 -4.54
C THR A 106 20.00 1.04 -5.10
N ASP A 107 20.33 1.38 -6.32
CA ASP A 107 19.48 2.38 -6.94
C ASP A 107 18.02 1.99 -7.24
N LYS A 108 17.77 0.70 -7.50
CA LYS A 108 16.37 0.30 -7.70
C LYS A 108 15.58 -0.13 -6.48
N ILE A 109 16.32 -0.46 -5.44
CA ILE A 109 15.71 -0.98 -4.21
C ILE A 109 16.15 -0.11 -3.05
N GLN A 110 15.16 0.69 -2.58
CA GLN A 110 15.37 1.53 -1.37
C GLN A 110 14.34 1.50 -0.29
N LEU A 111 14.69 2.06 0.83
CA LEU A 111 13.70 2.05 1.93
C LEU A 111 12.70 3.15 1.82
N GLY A 112 11.48 2.83 2.22
CA GLY A 112 10.49 3.90 2.16
C GLY A 112 10.41 4.58 3.48
N CYS A 113 10.31 5.89 3.46
CA CYS A 113 10.44 6.65 4.72
C CYS A 113 9.11 6.90 5.39
N LEU A 114 9.08 6.71 6.67
CA LEU A 114 7.81 6.90 7.35
C LEU A 114 7.61 8.32 7.93
N PRO A 115 6.34 8.80 8.04
CA PRO A 115 6.12 10.12 8.70
C PRO A 115 6.38 10.09 10.20
N ALA A 116 6.58 11.26 10.81
CA ALA A 116 6.57 11.18 12.28
C ALA A 116 5.31 10.57 12.91
N ALA A 117 5.49 9.99 14.09
CA ALA A 117 4.29 9.60 14.86
C ALA A 117 3.19 10.68 15.02
N GLY A 118 1.92 10.30 14.80
CA GLY A 118 0.88 11.33 14.92
C GLY A 118 0.68 12.35 13.79
N THR A 119 1.47 12.22 12.73
CA THR A 119 1.30 13.19 11.63
C THR A 119 0.03 13.06 10.81
N ILE A 120 -0.72 14.16 10.75
CA ILE A 120 -1.97 14.23 9.98
C ILE A 120 -1.88 15.11 8.76
N LEU A 121 -2.26 14.55 7.62
CA LEU A 121 -2.30 15.45 6.46
C LEU A 121 -3.58 16.21 6.27
N PRO A 122 -3.40 17.52 5.98
CA PRO A 122 -4.57 18.37 5.73
C PRO A 122 -5.31 18.08 4.44
N ASN A 123 -6.52 18.58 4.45
CA ASN A 123 -7.34 18.45 3.25
C ASN A 123 -6.72 18.98 1.95
N ASN A 124 -6.93 18.26 0.87
CA ASN A 124 -6.29 18.55 -0.41
C ASN A 124 -4.79 18.44 -0.51
N TYR A 125 -4.19 17.81 0.48
CA TYR A 125 -2.79 17.46 0.27
C TYR A 125 -2.56 16.58 -0.94
N VAL A 126 -1.50 16.88 -1.69
CA VAL A 126 -1.21 16.03 -2.84
C VAL A 126 -0.43 14.75 -2.50
N CYS A 127 -1.00 13.64 -2.89
CA CYS A 127 -0.28 12.38 -2.75
C CYS A 127 -0.37 11.56 -4.03
N TYR A 128 0.37 10.46 -4.07
CA TYR A 128 0.29 9.56 -5.24
C TYR A 128 0.16 8.13 -4.79
N VAL A 129 -0.86 7.46 -5.30
CA VAL A 129 -0.90 6.00 -5.02
C VAL A 129 -0.19 5.20 -6.13
N THR A 130 0.54 4.19 -5.71
CA THR A 130 1.16 3.32 -6.72
C THR A 130 0.83 1.82 -6.65
N GLY A 131 0.77 1.20 -7.82
CA GLY A 131 0.66 -0.26 -7.76
C GLY A 131 0.48 -1.03 -9.04
N TRP A 132 0.41 -2.35 -8.94
CA TRP A 132 -0.03 -3.13 -10.11
C TRP A 132 -1.48 -3.64 -10.08
N GLY A 133 -2.34 -2.98 -9.32
CA GLY A 133 -3.75 -3.33 -9.46
C GLY A 133 -4.52 -2.93 -10.73
N ARG A 134 -5.77 -3.38 -10.74
CA ARG A 134 -6.67 -3.07 -11.85
C ARG A 134 -6.75 -1.64 -12.30
N LEU A 135 -6.83 -1.56 -13.60
CA LEU A 135 -6.90 -0.28 -14.30
C LEU A 135 -8.31 0.26 -14.43
N GLN A 136 -9.24 -0.63 -14.24
CA GLN A 136 -10.61 -0.18 -13.94
C GLN A 136 -11.32 -1.20 -13.07
N THR A 137 -12.46 -0.83 -12.50
CA THR A 137 -13.21 -1.82 -11.68
C THR A 137 -13.55 -3.13 -12.40
N ASN A 138 -13.21 -4.27 -11.81
CA ASN A 138 -13.38 -5.52 -12.60
C ASN A 138 -12.68 -5.64 -13.97
N GLY A 139 -11.82 -4.67 -14.31
CA GLY A 139 -11.07 -4.74 -15.56
C GLY A 139 -9.63 -5.24 -15.50
N ALA A 140 -8.88 -4.81 -16.49
CA ALA A 140 -7.45 -5.23 -16.60
C ALA A 140 -6.40 -4.85 -15.52
N SER A 141 -5.49 -5.79 -15.24
CA SER A 141 -4.28 -5.37 -14.50
C SER A 141 -3.09 -5.09 -15.42
N PRO A 142 -2.35 -3.97 -15.21
CA PRO A 142 -1.22 -3.67 -16.11
C PRO A 142 -0.01 -4.56 -15.91
N ASP A 143 0.92 -4.52 -16.82
CA ASP A 143 2.21 -5.11 -16.47
C ASP A 143 3.18 -4.14 -15.77
N ILE A 144 3.07 -2.89 -16.18
CA ILE A 144 3.93 -1.83 -15.69
C ILE A 144 3.33 -1.15 -14.48
N LEU A 145 4.19 -0.90 -13.48
CA LEU A 145 3.82 0.01 -12.38
C LEU A 145 3.06 1.27 -12.82
N GLN A 146 1.86 1.42 -12.24
CA GLN A 146 1.12 2.67 -12.43
C GLN A 146 1.27 3.57 -11.23
N GLN A 147 1.08 4.83 -11.50
CA GLN A 147 0.82 5.76 -10.42
C GLN A 147 -0.40 6.60 -10.73
N GLY A 148 -0.98 7.10 -9.66
CA GLY A 148 -2.10 8.04 -9.81
C GLY A 148 -2.16 9.05 -8.68
N GLN A 149 -2.46 10.27 -9.07
CA GLN A 149 -2.53 11.38 -8.13
C GLN A 149 -3.88 11.44 -7.44
N LEU A 150 -3.76 11.62 -6.15
CA LEU A 150 -4.90 11.54 -5.24
C LEU A 150 -4.78 12.63 -4.18
N LEU A 151 -5.83 13.42 -4.01
CA LEU A 151 -5.75 14.45 -2.95
C LEU A 151 -6.37 14.02 -1.66
N VAL A 152 -5.68 14.31 -0.59
CA VAL A 152 -6.25 13.93 0.69
C VAL A 152 -7.63 14.59 0.95
N VAL A 153 -8.55 13.75 1.42
CA VAL A 153 -9.85 14.19 1.96
C VAL A 153 -9.81 14.00 3.46
N ASP A 154 -9.82 15.11 4.19
CA ASP A 154 -9.68 14.97 5.66
C ASP A 154 -10.80 14.26 6.41
N TYR A 155 -10.54 13.83 7.64
CA TYR A 155 -11.61 13.17 8.40
C TYR A 155 -12.96 13.89 8.43
N ALA A 156 -12.93 15.17 8.78
CA ALA A 156 -14.22 15.88 8.79
C ALA A 156 -15.12 15.78 7.57
N THR A 157 -14.47 15.80 6.40
CA THR A 157 -15.23 15.62 5.14
C THR A 157 -15.57 14.19 4.83
N CYS A 158 -14.58 13.35 5.01
CA CYS A 158 -14.77 11.93 4.65
C CYS A 158 -15.75 11.14 5.51
N SER A 159 -15.85 11.60 6.74
CA SER A 159 -16.88 10.98 7.59
C SER A 159 -18.28 11.51 7.35
N LYS A 160 -18.42 12.58 6.57
CA LYS A 160 -19.81 12.95 6.24
C LYS A 160 -20.63 11.82 5.63
N PRO A 161 -21.95 11.83 5.86
CA PRO A 161 -22.75 10.70 5.35
C PRO A 161 -22.93 10.65 3.84
N GLY A 162 -22.65 11.74 3.18
CA GLY A 162 -22.52 11.57 1.73
C GLY A 162 -21.22 10.92 1.23
N TRP A 163 -20.20 10.96 2.11
CA TRP A 163 -18.92 10.31 1.80
C TRP A 163 -18.86 8.91 2.40
N TRP A 164 -18.01 8.65 3.43
CA TRP A 164 -18.07 7.27 3.97
C TRP A 164 -18.89 7.13 5.23
N GLY A 165 -19.38 8.27 5.68
CA GLY A 165 -20.11 8.22 6.94
C GLY A 165 -19.32 7.67 8.12
N SER A 166 -19.97 6.74 8.80
CA SER A 166 -19.21 6.21 9.93
C SER A 166 -18.33 5.00 9.64
N THR A 167 -18.23 4.63 8.37
CA THR A 167 -17.24 3.57 8.03
C THR A 167 -15.79 3.91 8.34
N VAL A 168 -15.53 5.19 8.39
CA VAL A 168 -14.17 5.73 8.47
C VAL A 168 -13.76 6.27 9.82
N LYS A 169 -12.57 5.85 10.21
CA LYS A 169 -12.11 6.16 11.57
C LYS A 169 -10.91 7.09 11.55
N THR A 170 -10.46 7.51 12.72
CA THR A 170 -9.27 8.38 12.66
C THR A 170 -7.95 7.65 12.49
N ASN A 171 -8.05 6.33 12.49
CA ASN A 171 -6.87 5.51 12.13
C ASN A 171 -6.66 5.18 10.63
N MET A 172 -7.49 5.87 9.84
CA MET A 172 -7.43 5.76 8.40
C MET A 172 -7.15 7.07 7.72
N ILE A 173 -6.71 7.01 6.48
CA ILE A 173 -6.66 8.18 5.60
C ILE A 173 -7.60 8.02 4.39
N CYS A 174 -8.39 9.06 4.11
CA CYS A 174 -9.08 9.12 2.83
C CYS A 174 -8.36 9.95 1.76
N ALA A 175 -8.26 9.37 0.58
CA ALA A 175 -7.69 10.17 -0.51
C ALA A 175 -8.37 9.91 -1.82
N GLY A 176 -8.57 10.98 -2.59
CA GLY A 176 -9.26 10.84 -3.89
C GLY A 176 -10.72 11.25 -3.90
N GLY A 177 -11.59 10.43 -4.45
CA GLY A 177 -12.99 10.77 -4.19
C GLY A 177 -13.73 11.59 -5.22
N ASP A 178 -12.99 11.90 -6.25
CA ASP A 178 -13.60 12.54 -7.43
C ASP A 178 -14.21 11.60 -8.46
N GLY A 179 -13.90 10.29 -8.34
CA GLY A 179 -14.36 9.32 -9.33
C GLY A 179 -13.50 9.21 -10.58
N ILE A 180 -12.46 10.02 -10.60
CA ILE A 180 -11.55 9.82 -11.70
C ILE A 180 -10.43 8.84 -11.36
N ILE A 181 -9.73 9.17 -10.28
CA ILE A 181 -8.58 8.37 -9.93
C ILE A 181 -8.80 7.66 -8.64
N SER A 182 -8.38 6.42 -8.63
CA SER A 182 -8.47 5.63 -7.39
C SER A 182 -7.46 4.51 -7.31
N SER A 183 -7.28 3.93 -6.11
CA SER A 183 -6.71 2.58 -6.07
C SER A 183 -7.72 1.54 -6.51
N CYS A 184 -7.27 0.29 -6.69
CA CYS A 184 -8.22 -0.75 -7.15
C CYS A 184 -7.65 -2.09 -6.76
N ASN A 185 -8.46 -3.12 -6.81
CA ASN A 185 -8.02 -4.47 -6.42
C ASN A 185 -6.65 -4.91 -6.95
N GLY A 186 -5.79 -5.27 -6.03
CA GLY A 186 -4.40 -5.47 -6.43
C GLY A 186 -3.48 -4.37 -5.97
N ASP A 187 -4.02 -3.20 -5.73
CA ASP A 187 -3.18 -2.17 -5.12
C ASP A 187 -3.07 -2.25 -3.60
N SER A 188 -3.92 -3.09 -3.02
CA SER A 188 -4.05 -3.32 -1.56
C SER A 188 -2.72 -3.61 -0.95
N GLY A 189 -2.53 -3.03 0.20
CA GLY A 189 -1.18 -3.17 0.76
C GLY A 189 -0.09 -2.23 0.29
N GLY A 190 -0.28 -1.59 -0.85
CA GLY A 190 0.80 -0.69 -1.29
C GLY A 190 0.68 0.72 -0.76
N PRO A 191 1.72 1.56 -1.11
CA PRO A 191 1.84 2.94 -0.56
C PRO A 191 0.94 4.06 -1.05
N LEU A 192 0.45 4.84 -0.09
CA LEU A 192 0.16 6.25 -0.41
C LEU A 192 1.35 7.19 -0.21
N ASN A 193 1.91 7.65 -1.32
CA ASN A 193 3.14 8.44 -1.16
C ASN A 193 2.90 9.93 -1.19
N CYS A 194 3.41 10.55 -0.14
CA CYS A 194 3.24 12.01 -0.08
C CYS A 194 4.53 12.70 0.24
N GLN A 195 4.77 13.74 -0.47
CA GLN A 195 6.04 14.41 -0.26
C GLN A 195 5.94 15.39 0.90
N GLY A 196 6.76 15.17 1.93
CA GLY A 196 6.81 16.10 3.06
C GLY A 196 7.23 17.53 2.71
N ALA A 197 7.01 18.42 3.66
CA ALA A 197 7.46 19.84 3.51
C ALA A 197 8.92 20.23 3.05
N ASN A 198 9.87 19.29 3.20
CA ASN A 198 11.30 19.45 2.82
C ASN A 198 11.76 18.74 1.53
N GLY A 199 10.78 18.36 0.70
CA GLY A 199 11.10 17.55 -0.49
C GLY A 199 10.98 16.02 -0.40
N GLN A 200 11.04 15.50 0.82
CA GLN A 200 11.18 14.05 0.87
C GLN A 200 9.91 13.24 0.72
N TRP A 201 9.97 12.17 -0.08
CA TRP A 201 8.81 11.28 -0.16
C TRP A 201 8.55 10.45 1.05
N GLN A 202 7.33 10.48 1.55
CA GLN A 202 7.06 9.58 2.66
C GLN A 202 5.86 8.71 2.40
N VAL A 203 5.92 7.52 2.96
CA VAL A 203 4.75 6.68 2.90
C VAL A 203 3.75 6.87 4.06
N HIS A 204 2.68 7.56 3.73
CA HIS A 204 1.67 7.89 4.77
C HIS A 204 0.50 6.92 4.96
N GLY A 205 0.23 6.19 3.89
CA GLY A 205 -0.89 5.26 3.97
C GLY A 205 -0.61 3.92 3.32
N ILE A 206 -1.40 2.91 3.73
CA ILE A 206 -1.39 1.59 3.10
C ILE A 206 -2.74 1.35 2.47
N VAL A 207 -2.75 0.97 1.18
CA VAL A 207 -4.08 0.73 0.55
C VAL A 207 -4.91 -0.37 1.17
N SER A 208 -6.08 0.05 1.61
CA SER A 208 -6.90 -0.90 2.38
C SER A 208 -8.25 -1.24 1.70
N PHE A 209 -9.09 -0.22 1.60
CA PHE A 209 -10.38 -0.46 0.94
C PHE A 209 -10.99 0.67 0.07
N GLY A 210 -11.80 0.21 -0.85
CA GLY A 210 -12.68 1.10 -1.58
C GLY A 210 -14.15 0.70 -1.48
N SER A 211 -14.94 1.33 -2.29
CA SER A 211 -16.38 1.04 -2.30
C SER A 211 -16.88 -0.14 -3.16
N SER A 212 -17.90 -0.83 -2.64
CA SER A 212 -18.55 -1.87 -3.48
C SER A 212 -19.31 -1.38 -4.70
N LEU A 213 -19.60 -0.07 -4.69
CA LEU A 213 -20.04 0.66 -5.89
C LEU A 213 -18.99 0.83 -7.01
N GLY A 214 -17.73 0.53 -6.66
CA GLY A 214 -16.68 0.64 -7.68
C GLY A 214 -15.37 1.22 -7.14
N CYS A 215 -14.26 0.84 -7.77
CA CYS A 215 -12.99 1.42 -7.28
C CYS A 215 -12.94 2.95 -7.36
N ASN A 216 -13.37 3.45 -8.52
CA ASN A 216 -13.40 4.91 -8.73
C ASN A 216 -14.82 5.40 -8.67
N TYR A 217 -15.06 6.19 -7.64
CA TYR A 217 -16.44 6.54 -7.36
C TYR A 217 -16.61 7.87 -6.63
N TYR A 218 -17.43 8.75 -7.23
CA TYR A 218 -17.53 10.11 -6.67
C TYR A 218 -18.00 10.08 -5.27
N HIS A 219 -17.28 10.80 -4.43
CA HIS A 219 -17.51 10.77 -2.99
C HIS A 219 -17.30 9.43 -2.28
N LYS A 220 -16.69 8.48 -2.98
CA LYS A 220 -16.08 7.36 -2.24
C LYS A 220 -14.57 7.35 -2.39
N PRO A 221 -13.91 8.18 -1.59
CA PRO A 221 -12.44 8.12 -1.62
C PRO A 221 -11.92 6.72 -1.24
N SER A 222 -10.85 6.37 -1.94
CA SER A 222 -10.00 5.25 -1.51
C SER A 222 -9.53 5.45 -0.12
N VAL A 223 -9.68 4.40 0.70
CA VAL A 223 -9.24 4.46 2.09
C VAL A 223 -7.96 3.64 2.41
N PHE A 224 -7.17 4.30 3.25
CA PHE A 224 -5.84 3.86 3.53
C PHE A 224 -5.67 3.68 5.02
N THR A 225 -4.95 2.63 5.43
CA THR A 225 -4.42 2.66 6.80
C THR A 225 -3.45 3.82 7.06
N ARG A 226 -3.65 4.54 8.17
CA ARG A 226 -2.81 5.70 8.47
C ARG A 226 -1.53 5.34 9.17
N VAL A 227 -0.42 5.34 8.43
CA VAL A 227 0.81 4.79 9.01
C VAL A 227 1.32 5.52 10.22
N SER A 228 1.08 6.81 10.26
CA SER A 228 1.55 7.55 11.43
C SER A 228 0.88 7.19 12.75
N ASN A 229 -0.11 6.34 12.61
CA ASN A 229 -0.70 5.75 13.80
C ASN A 229 -0.01 4.48 14.36
N TYR A 230 0.92 3.91 13.59
CA TYR A 230 1.53 2.64 14.02
C TYR A 230 3.01 2.64 14.08
N ILE A 231 3.62 3.82 14.14
CA ILE A 231 5.08 3.92 14.12
C ILE A 231 5.71 3.15 15.27
N ASP A 232 5.08 3.31 16.43
CA ASP A 232 5.52 2.52 17.57
C ASP A 232 5.38 1.01 17.39
N TRP A 233 4.24 0.56 16.88
CA TRP A 233 4.10 -0.88 16.58
C TRP A 233 5.10 -1.43 15.53
N ILE A 234 5.29 -0.68 14.45
CA ILE A 234 6.30 -1.06 13.45
C ILE A 234 7.73 -1.27 14.05
N ASN A 235 8.13 -0.34 14.91
CA ASN A 235 9.44 -0.49 15.55
C ASN A 235 9.52 -1.56 16.60
N SER A 236 8.41 -1.80 17.31
CA SER A 236 8.45 -2.97 18.21
C SER A 236 8.54 -4.30 17.53
N VAL A 237 7.74 -4.43 16.48
CA VAL A 237 7.86 -5.69 15.75
C VAL A 237 9.26 -5.94 15.21
N ILE A 238 9.82 -4.89 14.63
CA ILE A 238 11.21 -5.04 14.20
C ILE A 238 12.22 -5.31 15.30
N ALA A 239 12.12 -4.64 16.43
CA ALA A 239 13.05 -4.96 17.52
C ALA A 239 12.83 -6.31 18.10
N ASN A 240 11.60 -6.73 18.07
CA ASN A 240 11.31 -8.00 18.71
C ASN A 240 11.20 -9.24 17.86
N ASN A 241 11.51 -9.15 16.58
CA ASN A 241 11.47 -10.40 15.81
C ASN A 241 12.71 -10.54 14.96
#